data_5G1L
#
_entry.id   5G1L
#
_cell.length_a   116.650
_cell.length_b   57.030
_cell.length_c   85.550
_cell.angle_alpha   90.00
_cell.angle_beta   95.14
_cell.angle_gamma   90.00
#
_symmetry.space_group_name_H-M   'C 1 2 1'
#
loop_
_entity.id
_entity.type
_entity.pdbx_description
1 polymer 'THIOL DISULFIDE INTERCHANGE PROTEIN DSBG'
2 non-polymer 'SULFATE ION'
3 water water
#
_entity_poly.entity_id   1
_entity_poly.type   'polypeptide(L)'
_entity_poly.pdbx_seq_one_letter_code
;MLKKILLLALLPAIAFAEELPAPVKAIEKQGITIIKTFDAPGGMKGYLGKYQDMGVTIYLTPDGKHAISGYMYNEKGENL
SNTLIEKEIYAPAGREMWQRMEQSHWLLDGKKDAPVIVYVFADPFCGPCKQFWQQARPWVDSGKVQLRTLLVGVIKPESP
ATAAAILASKDPAKTWQQYEASGGKLKLNVPANVSTEQMKVLSDNEKLMDDLGANVTPAIYYMSKENTLQQAVGLPDQKT
LNIIMGNKTRHHHHHH
;
_entity_poly.pdbx_strand_id   A,B
#
loop_
_chem_comp.id
_chem_comp.type
_chem_comp.name
_chem_comp.formula
SO4 non-polymer 'SULFATE ION' 'O4 S -2'
#
# COMPACT_ATOMS: atom_id res chain seq x y z
N LEU A 20 30.14 2.65 1.88
CA LEU A 20 29.22 3.26 2.84
C LEU A 20 29.98 3.89 4.00
N PRO A 21 29.69 5.14 4.31
CA PRO A 21 30.43 5.82 5.39
C PRO A 21 30.30 5.07 6.71
N ALA A 22 31.42 5.00 7.43
CA ALA A 22 31.47 4.28 8.70
C ALA A 22 30.37 4.65 9.69
N PRO A 23 30.03 5.93 9.93
CA PRO A 23 28.94 6.19 10.88
C PRO A 23 27.61 5.62 10.43
N VAL A 24 27.35 5.58 9.12
CA VAL A 24 26.11 5.01 8.63
C VAL A 24 26.12 3.49 8.75
N LYS A 25 27.27 2.86 8.48
CA LYS A 25 27.40 1.43 8.76
C LYS A 25 27.11 1.13 10.21
N ALA A 26 27.56 1.99 11.13
CA ALA A 26 27.29 1.76 12.54
C ALA A 26 25.79 1.76 12.82
N ILE A 27 25.06 2.67 12.18
CA ILE A 27 23.62 2.74 12.36
C ILE A 27 22.95 1.52 11.73
N GLU A 28 23.45 1.06 10.59
CA GLU A 28 22.93 -0.18 10.00
C GLU A 28 22.97 -1.33 11.00
N LYS A 29 24.05 -1.43 11.77
CA LYS A 29 24.23 -2.52 12.73
C LYS A 29 23.29 -2.43 13.92
N GLN A 30 22.60 -1.30 14.09
CA GLN A 30 21.55 -1.19 15.09
C GLN A 30 20.21 -1.69 14.58
N GLY A 31 20.18 -2.35 13.43
CA GLY A 31 18.97 -2.93 12.91
C GLY A 31 18.28 -2.15 11.81
N ILE A 32 19.01 -1.31 11.07
CA ILE A 32 18.42 -0.51 10.01
C ILE A 32 18.85 -1.06 8.66
N THR A 33 17.89 -1.17 7.74
CA THR A 33 18.13 -1.61 6.38
C THR A 33 17.87 -0.43 5.44
N ILE A 34 18.88 -0.03 4.69
CA ILE A 34 18.80 1.20 3.90
C ILE A 34 18.07 0.92 2.58
N ILE A 35 17.13 1.79 2.23
CA ILE A 35 16.39 1.73 0.99
C ILE A 35 17.12 2.48 -0.11
N LYS A 36 17.53 3.72 0.17
CA LYS A 36 18.08 4.60 -0.87
C LYS A 36 18.77 5.79 -0.19
N THR A 37 19.63 6.45 -0.97
CA THR A 37 20.16 7.75 -0.59
C THR A 37 19.26 8.85 -1.15
N PHE A 38 19.35 10.03 -0.55
CA PHE A 38 18.61 11.17 -1.05
C PHE A 38 19.34 12.46 -0.68
N ASP A 39 18.97 13.53 -1.36
CA ASP A 39 19.60 14.83 -1.15
C ASP A 39 19.01 15.52 0.07
N ALA A 40 19.87 16.00 0.96
CA ALA A 40 19.49 16.72 2.16
C ALA A 40 20.15 18.10 2.13
N PRO A 41 19.73 19.06 2.95
CA PRO A 41 20.32 20.41 2.89
C PRO A 41 21.60 20.53 3.69
N GLY A 42 22.34 21.61 3.40
CA GLY A 42 23.51 21.95 4.18
C GLY A 42 24.75 21.15 3.87
N GLY A 43 24.81 20.52 2.70
CA GLY A 43 25.91 19.62 2.44
C GLY A 43 25.80 18.29 3.14
N MET A 44 24.63 17.98 3.69
CA MET A 44 24.38 16.69 4.28
C MET A 44 23.81 15.72 3.25
N LYS A 45 24.17 14.47 3.41
CA LYS A 45 23.64 13.40 2.58
C LYS A 45 22.60 12.65 3.39
N GLY A 46 21.49 12.29 2.75
CA GLY A 46 20.43 11.56 3.43
C GLY A 46 20.42 10.08 3.04
N TYR A 47 19.99 9.26 3.99
CA TYR A 47 19.75 7.84 3.76
C TYR A 47 18.38 7.51 4.30
N LEU A 48 17.53 6.92 3.47
CA LEU A 48 16.20 6.48 3.91
C LEU A 48 16.26 4.98 4.18
N GLY A 49 15.72 4.56 5.32
CA GLY A 49 15.80 3.15 5.67
C GLY A 49 14.61 2.71 6.48
N LYS A 50 14.67 1.50 7.02
CA LYS A 50 13.62 1.01 7.90
C LYS A 50 14.23 0.31 9.09
N TYR A 51 13.57 0.45 10.24
CA TYR A 51 13.86 -0.36 11.42
C TYR A 51 12.60 -1.16 11.67
N GLN A 52 12.71 -2.49 11.62
CA GLN A 52 11.51 -3.32 11.59
C GLN A 52 10.57 -2.76 10.53
N ASP A 53 9.36 -2.33 10.90
CA ASP A 53 8.43 -1.79 9.92
C ASP A 53 8.42 -0.26 9.85
N MET A 54 9.30 0.41 10.58
CA MET A 54 9.24 1.86 10.77
C MET A 54 10.25 2.54 9.86
N GLY A 55 9.82 3.59 9.16
CA GLY A 55 10.75 4.36 8.35
C GLY A 55 11.69 5.18 9.20
N VAL A 56 12.93 5.34 8.71
CA VAL A 56 13.96 6.08 9.42
C VAL A 56 14.74 6.90 8.40
N THR A 57 15.17 8.08 8.81
CA THR A 57 16.05 8.91 8.00
C THR A 57 17.35 9.14 8.76
N ILE A 58 18.47 9.02 8.04
CA ILE A 58 19.81 9.21 8.57
C ILE A 58 20.47 10.34 7.76
N TYR A 59 21.18 11.22 8.45
CA TYR A 59 21.83 12.36 7.81
C TYR A 59 23.32 12.35 8.10
N LEU A 60 24.13 12.30 7.04
CA LEU A 60 25.57 12.31 7.20
C LEU A 60 26.02 13.75 7.37
N THR A 61 26.85 14.00 8.42
CA THR A 61 27.18 15.37 8.76
C THR A 61 28.16 15.93 7.74
N PRO A 62 28.29 17.26 7.64
CA PRO A 62 29.25 17.80 6.68
C PRO A 62 30.67 17.33 6.96
N ASP A 63 31.05 17.19 8.24
CA ASP A 63 32.35 16.61 8.54
C ASP A 63 32.54 15.20 7.98
N GLY A 64 31.46 14.55 7.51
CA GLY A 64 31.52 13.24 6.89
C GLY A 64 31.85 12.11 7.84
N LYS A 65 32.20 12.42 9.08
CA LYS A 65 32.64 11.46 10.07
C LYS A 65 31.55 11.19 11.11
N HIS A 66 30.37 11.76 10.93
CA HIS A 66 29.26 11.55 11.85
C HIS A 66 27.97 11.41 11.07
N ALA A 67 26.99 10.77 11.68
CA ALA A 67 25.69 10.62 11.03
C ALA A 67 24.64 10.68 12.12
N ILE A 68 23.49 11.28 11.80
CA ILE A 68 22.42 11.46 12.78
C ILE A 68 21.19 10.71 12.31
N SER A 69 20.69 9.80 13.14
CA SER A 69 19.43 9.12 12.88
C SER A 69 18.33 9.90 13.61
N GLY A 70 17.37 10.44 12.86
CA GLY A 70 16.34 11.24 13.50
C GLY A 70 15.49 11.98 12.48
N TYR A 71 14.88 13.07 12.95
CA TYR A 71 13.84 13.76 12.20
C TYR A 71 14.30 15.18 11.93
N MET A 72 14.30 15.58 10.67
CA MET A 72 14.72 16.93 10.29
C MET A 72 13.51 17.86 10.16
N TYR A 73 13.61 19.03 10.78
CA TYR A 73 12.59 20.07 10.72
C TYR A 73 13.12 21.28 9.98
N ASN A 74 12.23 21.98 9.26
CA ASN A 74 12.64 23.23 8.62
C ASN A 74 12.12 24.44 9.41
N GLU A 75 12.37 25.63 8.86
CA GLU A 75 12.03 26.86 9.56
C GLU A 75 10.53 27.01 9.79
N LYS A 76 9.71 26.52 8.85
CA LYS A 76 8.27 26.59 9.00
C LYS A 76 7.71 25.54 9.95
N GLY A 77 8.56 24.67 10.49
CA GLY A 77 8.12 23.68 11.44
C GLY A 77 7.69 22.36 10.84
N GLU A 78 7.85 22.16 9.54
CA GLU A 78 7.49 20.89 8.93
C GLU A 78 8.51 19.83 9.32
N ASN A 79 8.01 18.65 9.71
CA ASN A 79 8.87 17.48 9.91
C ASN A 79 9.13 16.87 8.53
N LEU A 80 10.26 17.26 7.93
CA LEU A 80 10.59 16.83 6.58
C LEU A 80 10.84 15.32 6.52
N SER A 81 11.40 14.74 7.58
CA SER A 81 11.63 13.29 7.58
C SER A 81 10.31 12.55 7.53
N ASN A 82 9.33 13.02 8.30
N ASN A 82 9.32 13.01 8.32
CA ASN A 82 8.01 12.42 8.29
CA ASN A 82 8.00 12.41 8.28
C ASN A 82 7.34 12.56 6.92
C ASN A 82 7.37 12.54 6.89
N THR A 83 7.44 13.74 6.31
CA THR A 83 6.92 13.94 4.95
C THR A 83 7.52 12.94 3.98
N LEU A 84 8.85 12.78 4.03
CA LEU A 84 9.53 11.85 3.13
C LEU A 84 9.14 10.40 3.41
N ILE A 85 9.12 10.02 4.68
CA ILE A 85 8.79 8.64 5.04
C ILE A 85 7.37 8.30 4.60
N GLU A 86 6.45 9.25 4.79
CA GLU A 86 5.07 8.98 4.39
C GLU A 86 4.94 8.89 2.88
N LYS A 87 5.63 9.79 2.15
CA LYS A 87 5.52 9.84 0.70
C LYS A 87 6.15 8.62 0.04
N GLU A 88 7.28 8.14 0.57
CA GLU A 88 8.04 7.11 -0.12
C GLU A 88 7.95 5.72 0.51
N ILE A 89 7.51 5.60 1.76
CA ILE A 89 7.44 4.28 2.38
C ILE A 89 5.99 3.87 2.64
N TYR A 90 5.31 4.59 3.52
CA TYR A 90 3.99 4.12 3.97
C TYR A 90 2.95 4.21 2.86
N ALA A 91 2.99 5.30 2.08
CA ALA A 91 1.89 5.57 1.15
C ALA A 91 1.82 4.63 -0.04
N PRO A 92 2.86 4.47 -0.87
CA PRO A 92 2.64 4.02 -2.25
C PRO A 92 1.88 2.71 -2.40
N ALA A 93 2.08 1.75 -1.50
CA ALA A 93 1.58 0.40 -1.76
C ALA A 93 0.06 0.37 -1.90
N GLY A 94 -0.66 1.27 -1.21
CA GLY A 94 -2.10 1.30 -1.29
C GLY A 94 -2.69 2.07 -2.46
N ARG A 95 -1.87 2.87 -3.15
CA ARG A 95 -2.36 3.73 -4.23
C ARG A 95 -3.13 2.95 -5.29
N GLU A 96 -2.65 1.75 -5.63
CA GLU A 96 -3.30 1.00 -6.71
C GLU A 96 -4.67 0.48 -6.28
N MET A 97 -4.86 0.19 -4.99
CA MET A 97 -6.20 -0.27 -4.61
C MET A 97 -7.16 0.90 -4.44
N TRP A 98 -6.66 2.10 -4.15
CA TRP A 98 -7.50 3.30 -4.23
C TRP A 98 -8.05 3.49 -5.64
N GLN A 99 -7.19 3.33 -6.66
CA GLN A 99 -7.68 3.38 -8.03
C GLN A 99 -8.66 2.24 -8.33
N ARG A 100 -8.43 1.03 -7.77
CA ARG A 100 -9.36 -0.06 -8.01
C ARG A 100 -10.73 0.26 -7.43
N MET A 101 -10.76 0.93 -6.28
CA MET A 101 -12.04 1.35 -5.73
C MET A 101 -12.72 2.37 -6.62
N GLU A 102 -11.93 3.33 -7.15
CA GLU A 102 -12.50 4.34 -8.01
C GLU A 102 -13.08 3.74 -9.28
N GLN A 103 -12.45 2.67 -9.79
CA GLN A 103 -12.92 2.05 -11.02
C GLN A 103 -14.05 1.05 -10.80
N SER A 104 -14.44 0.79 -9.54
CA SER A 104 -15.52 -0.14 -9.25
C SER A 104 -16.86 0.57 -9.38
N HIS A 105 -17.94 -0.20 -9.24
N HIS A 105 -17.94 -0.20 -9.29
CA HIS A 105 -19.29 0.32 -9.40
CA HIS A 105 -19.30 0.33 -9.42
C HIS A 105 -19.83 0.74 -8.03
C HIS A 105 -19.81 0.73 -8.03
N TRP A 106 -19.44 1.94 -7.62
CA TRP A 106 -19.86 2.47 -6.33
C TRP A 106 -21.07 3.38 -6.49
N LEU A 107 -21.78 3.56 -5.38
CA LEU A 107 -22.94 4.44 -5.33
C LEU A 107 -22.55 5.75 -4.67
N LEU A 108 -23.04 6.86 -5.24
CA LEU A 108 -22.65 8.19 -4.78
C LEU A 108 -23.63 8.71 -3.73
N ASP A 109 -23.10 9.11 -2.57
CA ASP A 109 -23.89 9.74 -1.52
C ASP A 109 -23.18 11.06 -1.20
N GLY A 110 -23.73 12.16 -1.71
CA GLY A 110 -23.10 13.47 -1.57
C GLY A 110 -22.83 14.11 -2.93
N LYS A 111 -22.23 15.30 -2.87
CA LYS A 111 -21.98 16.05 -4.10
C LYS A 111 -20.84 15.42 -4.88
N LYS A 112 -20.99 15.38 -6.21
CA LYS A 112 -19.96 14.79 -7.06
C LYS A 112 -18.64 15.54 -6.95
N ASP A 113 -18.68 16.83 -6.60
CA ASP A 113 -17.46 17.63 -6.48
C ASP A 113 -16.99 17.76 -5.03
N ALA A 114 -17.52 16.95 -4.12
CA ALA A 114 -17.10 17.03 -2.73
C ALA A 114 -15.62 16.69 -2.63
N PRO A 115 -14.82 17.50 -1.94
CA PRO A 115 -13.36 17.32 -1.99
C PRO A 115 -12.85 16.10 -1.25
N VAL A 116 -13.57 15.61 -0.24
CA VAL A 116 -13.14 14.46 0.55
C VAL A 116 -13.89 13.23 0.05
N ILE A 117 -13.15 12.22 -0.42
CA ILE A 117 -13.74 10.97 -0.91
C ILE A 117 -13.54 9.89 0.14
N VAL A 118 -14.61 9.16 0.46
CA VAL A 118 -14.57 8.06 1.40
C VAL A 118 -15.26 6.87 0.75
N TYR A 119 -14.55 5.73 0.67
CA TYR A 119 -15.17 4.50 0.19
C TYR A 119 -15.64 3.66 1.37
N VAL A 120 -16.78 3.02 1.22
N VAL A 120 -16.75 2.95 1.17
CA VAL A 120 -17.25 2.11 2.27
CA VAL A 120 -17.39 2.16 2.21
C VAL A 120 -17.77 0.85 1.61
C VAL A 120 -17.85 0.83 1.62
N PHE A 121 -17.30 -0.28 2.09
CA PHE A 121 -17.83 -1.59 1.74
C PHE A 121 -18.95 -1.88 2.74
N ALA A 122 -20.15 -2.08 2.23
CA ALA A 122 -21.31 -2.25 3.10
C ALA A 122 -22.15 -3.40 2.59
N ASP A 123 -22.74 -4.13 3.53
CA ASP A 123 -23.73 -5.16 3.30
C ASP A 123 -25.10 -4.63 3.73
N PRO A 124 -26.18 -4.94 3.02
CA PRO A 124 -27.48 -4.40 3.43
C PRO A 124 -27.91 -4.80 4.83
N PHE A 125 -27.43 -5.92 5.36
CA PHE A 125 -27.85 -6.39 6.68
C PHE A 125 -26.83 -6.05 7.77
N CYS A 126 -25.97 -5.06 7.51
CA CYS A 126 -24.99 -4.62 8.50
C CYS A 126 -25.56 -3.47 9.34
N GLY A 127 -25.69 -3.70 10.65
CA GLY A 127 -26.14 -2.66 11.55
C GLY A 127 -25.19 -1.47 11.63
N PRO A 128 -23.93 -1.73 11.96
CA PRO A 128 -22.98 -0.61 12.09
C PRO A 128 -22.84 0.22 10.84
N CYS A 129 -23.04 -0.36 9.65
CA CYS A 129 -23.02 0.45 8.42
C CYS A 129 -24.05 1.56 8.50
N LYS A 130 -25.23 1.25 9.02
CA LYS A 130 -26.31 2.24 9.08
C LYS A 130 -26.00 3.33 10.10
N GLN A 131 -25.36 2.95 11.21
CA GLN A 131 -24.95 3.94 12.20
C GLN A 131 -23.89 4.88 11.63
N PHE A 132 -22.92 4.32 10.89
CA PHE A 132 -21.91 5.17 10.25
C PHE A 132 -22.55 6.10 9.21
N TRP A 133 -23.50 5.57 8.44
CA TRP A 133 -24.21 6.39 7.46
C TRP A 133 -24.83 7.61 8.14
N GLN A 134 -25.50 7.40 9.28
CA GLN A 134 -26.12 8.50 10.01
C GLN A 134 -25.07 9.47 10.55
N GLN A 135 -23.96 8.94 11.08
CA GLN A 135 -22.92 9.77 11.65
C GLN A 135 -22.29 10.68 10.62
N ALA A 136 -22.24 10.24 9.38
CA ALA A 136 -21.62 10.99 8.30
C ALA A 136 -22.49 12.14 7.78
N ARG A 137 -23.77 12.19 8.14
CA ARG A 137 -24.69 13.16 7.51
C ARG A 137 -24.18 14.59 7.53
N PRO A 138 -23.68 15.13 8.65
CA PRO A 138 -23.32 16.56 8.64
C PRO A 138 -22.32 16.90 7.55
N TRP A 139 -21.34 16.01 7.33
CA TRP A 139 -20.32 16.29 6.32
C TRP A 139 -20.81 16.03 4.92
N VAL A 140 -21.63 14.99 4.74
CA VAL A 140 -22.16 14.73 3.40
C VAL A 140 -23.11 15.85 3.01
N ASP A 141 -23.98 16.25 3.94
CA ASP A 141 -24.97 17.27 3.62
C ASP A 141 -24.33 18.63 3.39
N SER A 142 -23.20 18.91 4.03
CA SER A 142 -22.51 20.18 3.81
C SER A 142 -21.81 20.27 2.47
N GLY A 143 -21.64 19.16 1.75
CA GLY A 143 -20.88 19.16 0.53
C GLY A 143 -19.39 18.92 0.70
N LYS A 144 -18.94 18.64 1.93
N LYS A 144 -18.94 18.64 1.92
CA LYS A 144 -17.52 18.43 2.17
CA LYS A 144 -17.51 18.44 2.15
C LYS A 144 -17.08 17.03 1.76
C LYS A 144 -17.07 17.03 1.77
N VAL A 145 -17.93 16.04 2.00
CA VAL A 145 -17.58 14.63 1.88
C VAL A 145 -18.56 13.95 0.95
N GLN A 146 -18.05 13.10 0.07
CA GLN A 146 -18.88 12.17 -0.68
C GLN A 146 -18.54 10.74 -0.24
N LEU A 147 -19.57 9.97 0.09
CA LEU A 147 -19.41 8.56 0.43
C LEU A 147 -19.68 7.74 -0.81
N ARG A 148 -18.75 6.85 -1.15
CA ARG A 148 -18.87 6.02 -2.35
C ARG A 148 -19.00 4.59 -1.84
N THR A 149 -20.19 4.02 -1.96
CA THR A 149 -20.47 2.73 -1.35
C THR A 149 -20.29 1.60 -2.35
N LEU A 150 -19.49 0.62 -1.96
CA LEU A 150 -19.27 -0.60 -2.73
C LEU A 150 -20.04 -1.70 -2.01
N LEU A 151 -21.18 -2.07 -2.57
CA LEU A 151 -22.02 -3.07 -1.95
C LEU A 151 -21.39 -4.46 -2.03
N VAL A 152 -21.58 -5.24 -0.97
CA VAL A 152 -21.23 -6.65 -0.96
C VAL A 152 -22.43 -7.40 -0.39
N GLY A 153 -22.44 -8.70 -0.64
CA GLY A 153 -23.49 -9.55 -0.09
C GLY A 153 -22.86 -10.72 0.64
N VAL A 154 -22.47 -10.52 1.89
CA VAL A 154 -21.66 -11.50 2.59
C VAL A 154 -22.22 -11.91 3.94
N ILE A 155 -23.16 -11.18 4.55
CA ILE A 155 -23.54 -11.47 5.93
C ILE A 155 -24.65 -12.52 5.99
N LYS A 156 -25.75 -12.28 5.31
CA LYS A 156 -26.96 -13.08 5.43
C LYS A 156 -27.27 -13.81 4.13
N PRO A 157 -28.06 -14.88 4.19
CA PRO A 157 -28.49 -15.55 2.94
C PRO A 157 -29.12 -14.61 1.95
N GLU A 158 -29.86 -13.63 2.44
CA GLU A 158 -30.54 -12.69 1.57
C GLU A 158 -29.68 -11.48 1.24
N SER A 159 -28.46 -11.38 1.78
CA SER A 159 -27.64 -10.21 1.47
C SER A 159 -27.39 -10.01 -0.02
N PRO A 160 -27.00 -11.03 -0.82
CA PRO A 160 -26.77 -10.77 -2.25
C PRO A 160 -28.01 -10.26 -2.95
N ALA A 161 -29.15 -10.92 -2.75
CA ALA A 161 -30.37 -10.51 -3.46
C ALA A 161 -30.81 -9.11 -3.05
N THR A 162 -30.66 -8.77 -1.77
CA THR A 162 -31.07 -7.43 -1.33
C THR A 162 -30.13 -6.37 -1.89
N ALA A 163 -28.82 -6.64 -1.88
CA ALA A 163 -27.89 -5.71 -2.51
C ALA A 163 -28.17 -5.57 -3.99
N ALA A 164 -28.40 -6.68 -4.69
CA ALA A 164 -28.70 -6.60 -6.12
C ALA A 164 -30.00 -5.84 -6.36
N ALA A 165 -30.98 -5.98 -5.45
CA ALA A 165 -32.25 -5.26 -5.61
C ALA A 165 -32.05 -3.76 -5.52
N ILE A 166 -31.14 -3.33 -4.66
CA ILE A 166 -30.81 -1.91 -4.57
C ILE A 166 -30.15 -1.46 -5.87
N LEU A 167 -29.19 -2.25 -6.37
CA LEU A 167 -28.56 -1.94 -7.66
C LEU A 167 -29.56 -1.96 -8.80
N ALA A 168 -30.63 -2.74 -8.69
CA ALA A 168 -31.61 -2.86 -9.78
C ALA A 168 -32.63 -1.73 -9.80
N SER A 169 -32.70 -0.91 -8.75
CA SER A 169 -33.76 0.09 -8.66
C SER A 169 -33.49 1.25 -9.63
N LYS A 170 -34.52 2.08 -9.83
CA LYS A 170 -34.41 3.15 -10.81
C LYS A 170 -33.27 4.11 -10.49
N ASP A 171 -33.08 4.43 -9.21
CA ASP A 171 -32.03 5.35 -8.76
C ASP A 171 -31.33 4.64 -7.61
N PRO A 172 -30.35 3.79 -7.91
CA PRO A 172 -29.76 2.96 -6.84
C PRO A 172 -29.12 3.76 -5.73
N ALA A 173 -28.47 4.88 -6.04
CA ALA A 173 -27.84 5.65 -4.98
C ALA A 173 -28.89 6.22 -4.02
N LYS A 174 -30.00 6.74 -4.56
CA LYS A 174 -31.07 7.24 -3.70
C LYS A 174 -31.69 6.10 -2.88
N THR A 175 -31.93 4.95 -3.52
CA THR A 175 -32.49 3.81 -2.81
C THR A 175 -31.58 3.39 -1.67
N TRP A 176 -30.26 3.34 -1.91
CA TRP A 176 -29.35 2.99 -0.83
C TRP A 176 -29.42 3.98 0.32
N GLN A 177 -29.44 5.29 0.01
CA GLN A 177 -29.54 6.30 1.07
C GLN A 177 -30.82 6.12 1.87
N GLN A 178 -31.94 5.92 1.19
CA GLN A 178 -33.21 5.71 1.89
C GLN A 178 -33.17 4.43 2.72
N TYR A 179 -32.52 3.39 2.18
CA TYR A 179 -32.43 2.13 2.89
C TYR A 179 -31.65 2.28 4.19
N GLU A 180 -30.49 2.92 4.11
CA GLU A 180 -29.68 3.13 5.32
C GLU A 180 -30.40 4.05 6.29
N ALA A 181 -31.05 5.09 5.78
CA ALA A 181 -31.73 6.04 6.64
C ALA A 181 -32.85 5.37 7.41
N SER A 182 -33.52 4.40 6.77
CA SER A 182 -34.63 3.68 7.36
C SER A 182 -34.19 2.57 8.30
N GLY A 183 -32.88 2.37 8.47
CA GLY A 183 -32.43 1.24 9.26
C GLY A 183 -32.71 -0.10 8.62
N GLY A 184 -32.79 -0.13 7.29
CA GLY A 184 -33.08 -1.36 6.57
C GLY A 184 -34.54 -1.71 6.50
N LYS A 185 -35.43 -0.79 6.90
CA LYS A 185 -36.84 -1.07 6.86
C LYS A 185 -37.48 -0.75 5.52
N LEU A 186 -36.81 0.07 4.70
CA LEU A 186 -37.33 0.44 3.39
C LEU A 186 -37.72 -0.79 2.58
N LYS A 187 -38.95 -0.80 2.08
CA LYS A 187 -39.37 -1.93 1.26
C LYS A 187 -38.82 -1.79 -0.15
N LEU A 188 -38.52 -2.94 -0.75
CA LEU A 188 -37.86 -3.02 -2.04
C LEU A 188 -38.61 -3.94 -2.98
N ASN A 189 -38.43 -3.70 -4.27
CA ASN A 189 -38.79 -4.68 -5.28
CA ASN A 189 -38.79 -4.67 -5.30
C ASN A 189 -37.58 -5.59 -5.47
N VAL A 190 -37.68 -6.83 -4.99
CA VAL A 190 -36.56 -7.77 -5.11
C VAL A 190 -36.82 -8.64 -6.33
N PRO A 191 -35.98 -8.56 -7.36
CA PRO A 191 -36.28 -9.25 -8.62
C PRO A 191 -36.23 -10.76 -8.48
N ALA A 192 -36.67 -11.43 -9.56
CA ALA A 192 -36.69 -12.88 -9.61
C ALA A 192 -35.30 -13.49 -9.44
N ASN A 193 -34.26 -12.77 -9.85
CA ASN A 193 -32.92 -13.29 -9.77
C ASN A 193 -31.95 -12.13 -9.75
N VAL A 194 -30.73 -12.42 -9.34
CA VAL A 194 -29.63 -11.47 -9.42
C VAL A 194 -29.17 -11.46 -10.87
N SER A 195 -29.12 -10.29 -11.49
CA SER A 195 -28.69 -10.24 -12.88
C SER A 195 -27.20 -10.54 -12.98
N THR A 196 -26.76 -10.90 -14.19
CA THR A 196 -25.33 -11.18 -14.35
C THR A 196 -24.49 -9.93 -14.05
N GLU A 197 -24.99 -8.74 -14.40
CA GLU A 197 -24.21 -7.53 -14.10
C GLU A 197 -24.17 -7.27 -12.60
N GLN A 198 -25.29 -7.43 -11.90
CA GLN A 198 -25.29 -7.24 -10.45
C GLN A 198 -24.37 -8.25 -9.77
N MET A 199 -24.40 -9.51 -10.23
CA MET A 199 -23.55 -10.53 -9.61
CA MET A 199 -23.55 -10.53 -9.61
C MET A 199 -22.08 -10.22 -9.83
N LYS A 200 -21.73 -9.68 -11.00
CA LYS A 200 -20.35 -9.29 -11.25
C LYS A 200 -19.94 -8.15 -10.32
N VAL A 201 -20.81 -7.15 -10.14
CA VAL A 201 -20.49 -6.04 -9.23
C VAL A 201 -20.25 -6.57 -7.82
N LEU A 202 -21.16 -7.41 -7.33
CA LEU A 202 -21.03 -7.90 -5.96
C LEU A 202 -19.79 -8.76 -5.81
N SER A 203 -19.51 -9.62 -6.78
CA SER A 203 -18.35 -10.50 -6.66
C SER A 203 -17.05 -9.73 -6.80
N ASP A 204 -17.02 -8.76 -7.72
CA ASP A 204 -15.83 -7.92 -7.85
C ASP A 204 -15.58 -7.13 -6.57
N ASN A 205 -16.63 -6.53 -6.01
CA ASN A 205 -16.48 -5.75 -4.78
C ASN A 205 -16.01 -6.61 -3.62
N GLU A 206 -16.55 -7.83 -3.52
CA GLU A 206 -16.14 -8.73 -2.44
C GLU A 206 -14.67 -9.13 -2.56
N LYS A 207 -14.20 -9.38 -3.78
CA LYS A 207 -12.79 -9.72 -3.98
C LYS A 207 -11.88 -8.56 -3.64
N LEU A 208 -12.25 -7.34 -4.05
CA LEU A 208 -11.47 -6.16 -3.69
C LEU A 208 -11.47 -5.96 -2.17
N MET A 209 -12.63 -6.14 -1.54
N MET A 209 -12.64 -6.14 -1.55
CA MET A 209 -12.68 -6.04 -0.09
CA MET A 209 -12.73 -6.06 -0.09
C MET A 209 -11.73 -7.02 0.56
C MET A 209 -11.74 -7.02 0.56
N ASP A 210 -11.75 -8.28 0.10
CA ASP A 210 -10.84 -9.28 0.62
C ASP A 210 -9.38 -8.89 0.40
N ASP A 211 -9.07 -8.36 -0.80
CA ASP A 211 -7.70 -7.92 -1.10
C ASP A 211 -7.24 -6.82 -0.16
N LEU A 212 -8.15 -5.94 0.28
CA LEU A 212 -7.81 -4.87 1.20
C LEU A 212 -7.59 -5.37 2.62
N GLY A 213 -8.05 -6.57 2.93
CA GLY A 213 -7.69 -7.22 4.17
C GLY A 213 -8.71 -7.15 5.29
N ALA A 214 -9.90 -6.61 5.04
CA ALA A 214 -10.90 -6.53 6.10
C ALA A 214 -12.14 -7.27 5.62
N ASN A 215 -12.51 -8.35 6.32
CA ASN A 215 -13.67 -9.15 5.97
C ASN A 215 -14.85 -8.89 6.90
N VAL A 216 -14.92 -7.69 7.44
CA VAL A 216 -16.01 -7.22 8.29
C VAL A 216 -16.51 -5.91 7.70
N THR A 217 -17.82 -5.71 7.69
CA THR A 217 -18.40 -4.42 7.28
C THR A 217 -18.84 -3.64 8.52
N PRO A 218 -18.83 -2.29 8.45
CA PRO A 218 -18.33 -1.47 7.35
C PRO A 218 -16.82 -1.51 7.30
N ALA A 219 -16.28 -1.56 6.09
CA ALA A 219 -14.85 -1.38 5.87
C ALA A 219 -14.69 -0.07 5.12
N ILE A 220 -14.04 0.89 5.77
CA ILE A 220 -14.05 2.29 5.35
C ILE A 220 -12.65 2.67 4.94
N TYR A 221 -12.51 3.28 3.76
CA TYR A 221 -11.20 3.65 3.23
C TYR A 221 -11.17 5.12 2.89
N TYR A 222 -10.07 5.78 3.24
CA TYR A 222 -9.98 7.23 3.04
C TYR A 222 -8.52 7.59 2.91
N MET A 223 -8.27 8.83 2.51
CA MET A 223 -6.91 9.32 2.32
CA MET A 223 -6.91 9.34 2.31
C MET A 223 -6.57 10.32 3.42
N SER A 224 -5.39 10.17 4.00
CA SER A 224 -4.93 11.10 5.02
CA SER A 224 -5.02 11.12 5.03
C SER A 224 -4.62 12.46 4.40
N LYS A 225 -4.40 13.45 5.26
CA LYS A 225 -3.90 14.75 4.81
C LYS A 225 -2.50 14.64 4.22
N GLU A 226 -1.82 13.52 4.47
CA GLU A 226 -0.54 13.20 3.84
C GLU A 226 -0.70 12.37 2.57
N ASN A 227 -1.94 12.11 2.15
CA ASN A 227 -2.27 11.39 0.91
CA ASN A 227 -2.24 11.40 0.91
C ASN A 227 -1.83 9.93 0.96
N THR A 228 -2.11 9.26 2.09
CA THR A 228 -1.79 7.85 2.31
CA THR A 228 -1.80 7.85 2.31
C THR A 228 -3.08 7.09 2.60
N LEU A 229 -3.19 5.84 2.11
CA LEU A 229 -4.44 5.08 2.25
C LEU A 229 -4.67 4.62 3.70
N GLN A 230 -5.86 4.91 4.21
CA GLN A 230 -6.22 4.60 5.59
C GLN A 230 -7.48 3.74 5.62
N GLN A 231 -7.63 3.00 6.73
CA GLN A 231 -8.69 2.01 6.90
C GLN A 231 -9.37 2.21 8.26
N ALA A 232 -10.68 2.02 8.31
CA ALA A 232 -11.41 1.88 9.56
C ALA A 232 -12.37 0.71 9.37
N VAL A 233 -12.43 -0.18 10.35
CA VAL A 233 -13.30 -1.36 10.28
C VAL A 233 -14.23 -1.33 11.47
N GLY A 234 -15.52 -1.53 11.22
CA GLY A 234 -16.51 -1.35 12.25
C GLY A 234 -16.90 0.11 12.38
N LEU A 235 -17.80 0.35 13.31
CA LEU A 235 -18.28 1.71 13.53
C LEU A 235 -17.18 2.58 14.13
N PRO A 236 -16.76 3.65 13.45
CA PRO A 236 -15.70 4.51 14.01
C PRO A 236 -16.13 5.22 15.27
N ASP A 237 -15.16 5.44 16.17
CA ASP A 237 -15.46 6.30 17.30
C ASP A 237 -15.37 7.77 16.85
N GLN A 238 -15.59 8.70 17.79
CA GLN A 238 -15.71 10.10 17.40
C GLN A 238 -14.42 10.64 16.76
N LYS A 239 -13.26 10.31 17.31
CA LYS A 239 -12.02 10.82 16.74
C LYS A 239 -11.78 10.26 15.34
N THR A 240 -11.95 8.96 15.17
CA THR A 240 -11.72 8.37 13.86
C THR A 240 -12.71 8.91 12.85
N LEU A 241 -13.98 9.08 13.26
CA LEU A 241 -14.98 9.66 12.37
C LEU A 241 -14.54 11.03 11.88
N ASN A 242 -14.09 11.89 12.81
N ASN A 242 -14.14 11.91 12.81
CA ASN A 242 -13.69 13.24 12.43
CA ASN A 242 -13.67 13.24 12.43
C ASN A 242 -12.48 13.25 11.51
C ASN A 242 -12.53 13.17 11.42
N ILE A 243 -11.60 12.24 11.64
CA ILE A 243 -10.46 12.13 10.75
C ILE A 243 -10.86 11.58 9.40
N ILE A 244 -11.77 10.58 9.37
CA ILE A 244 -12.28 10.06 8.10
C ILE A 244 -12.91 11.19 7.31
N MET A 245 -13.67 12.04 7.97
CA MET A 245 -14.40 13.10 7.32
C MET A 245 -13.52 14.28 6.93
N GLY A 246 -12.22 14.22 7.24
CA GLY A 246 -11.29 15.24 6.84
C GLY A 246 -11.23 16.42 7.79
N ASN A 247 -11.76 16.27 8.99
CA ASN A 247 -11.96 17.35 9.94
C ASN A 247 -10.87 17.23 11.00
N LEU B 20 -16.05 4.26 23.47
CA LEU B 20 -14.63 4.01 23.69
C LEU B 20 -14.25 4.16 25.16
N PRO B 21 -13.63 3.13 25.74
CA PRO B 21 -13.22 3.22 27.14
C PRO B 21 -12.33 4.43 27.38
N ALA B 22 -12.54 5.08 28.53
CA ALA B 22 -11.78 6.27 28.87
C ALA B 22 -10.27 6.12 28.79
N PRO B 23 -9.64 5.02 29.26
CA PRO B 23 -8.19 4.92 29.09
C PRO B 23 -7.75 4.94 27.63
N VAL B 24 -8.56 4.37 26.73
CA VAL B 24 -8.21 4.37 25.32
C VAL B 24 -8.42 5.75 24.72
N LYS B 25 -9.48 6.46 25.14
CA LYS B 25 -9.63 7.85 24.73
C LYS B 25 -8.41 8.69 25.12
N ALA B 26 -7.85 8.45 26.31
CA ALA B 26 -6.69 9.22 26.73
C ALA B 26 -5.48 8.90 25.88
N ILE B 27 -5.33 7.65 25.43
CA ILE B 27 -4.23 7.32 24.56
C ILE B 27 -4.45 7.93 23.17
N GLU B 28 -5.70 7.95 22.69
CA GLU B 28 -6.00 8.62 21.43
C GLU B 28 -5.47 10.05 21.41
N LYS B 29 -5.57 10.75 22.54
CA LYS B 29 -5.10 12.13 22.61
C LYS B 29 -3.58 12.25 22.55
N GLN B 30 -2.85 11.15 22.62
CA GLN B 30 -1.41 11.18 22.40
C GLN B 30 -1.04 11.10 20.92
N GLY B 31 -2.02 11.27 20.03
CA GLY B 31 -1.78 11.24 18.61
C GLY B 31 -2.06 9.94 17.90
N ILE B 32 -2.92 9.09 18.45
CA ILE B 32 -3.21 7.78 17.85
C ILE B 32 -4.62 7.80 17.28
N THR B 33 -4.76 7.31 16.04
CA THR B 33 -6.04 7.14 15.37
C THR B 33 -6.37 5.65 15.29
N ILE B 34 -7.53 5.28 15.83
N ILE B 34 -7.53 5.27 15.78
CA ILE B 34 -7.95 3.89 15.88
CA ILE B 34 -7.86 3.85 15.91
C ILE B 34 -8.40 3.43 14.50
C ILE B 34 -8.51 3.33 14.63
N ILE B 35 -7.98 2.20 14.14
CA ILE B 35 -8.49 1.53 12.94
C ILE B 35 -9.65 0.59 13.28
N LYS B 36 -9.44 -0.27 14.27
CA LYS B 36 -10.38 -1.37 14.54
C LYS B 36 -10.02 -1.99 15.89
N THR B 37 -10.95 -2.78 16.41
CA THR B 37 -10.69 -3.61 17.59
C THR B 37 -10.27 -5.01 17.16
N PHE B 38 -9.63 -5.72 18.08
CA PHE B 38 -9.27 -7.10 17.80
C PHE B 38 -9.22 -7.84 19.13
N ASP B 39 -9.29 -9.17 19.05
CA ASP B 39 -9.28 -9.96 20.26
C ASP B 39 -7.85 -10.28 20.64
N ALA B 40 -7.52 -10.01 21.89
CA ALA B 40 -6.21 -10.23 22.46
C ALA B 40 -6.29 -11.31 23.54
N PRO B 41 -5.14 -11.82 24.01
CA PRO B 41 -5.16 -12.87 25.03
C PRO B 41 -5.54 -12.37 26.42
N GLY B 42 -5.90 -13.33 27.27
CA GLY B 42 -6.04 -13.07 28.69
C GLY B 42 -7.19 -12.18 29.08
N GLY B 43 -8.27 -12.21 28.31
CA GLY B 43 -9.40 -11.36 28.60
C GLY B 43 -9.22 -9.92 28.19
N MET B 44 -8.11 -9.58 27.55
CA MET B 44 -7.81 -8.21 27.14
CA MET B 44 -7.88 -8.19 27.17
C MET B 44 -8.41 -7.90 25.78
N LYS B 45 -8.83 -6.67 25.59
CA LYS B 45 -9.38 -6.22 24.31
C LYS B 45 -8.31 -5.40 23.62
N GLY B 46 -8.11 -5.66 22.33
CA GLY B 46 -7.10 -4.98 21.56
C GLY B 46 -7.67 -3.87 20.70
N TYR B 47 -6.87 -2.82 20.50
CA TYR B 47 -7.21 -1.76 19.56
C TYR B 47 -6.01 -1.57 18.66
N LEU B 48 -6.25 -1.62 17.36
CA LEU B 48 -5.20 -1.39 16.37
C LEU B 48 -5.33 0.03 15.89
N GLY B 49 -4.21 0.74 15.80
CA GLY B 49 -4.29 2.12 15.38
C GLY B 49 -3.04 2.56 14.68
N LYS B 50 -2.92 3.86 14.41
CA LYS B 50 -1.73 4.42 13.82
C LYS B 50 -1.28 5.66 14.57
N TYR B 51 0.04 5.82 14.67
CA TYR B 51 0.67 7.02 15.20
C TYR B 51 1.60 7.54 14.11
N GLN B 52 1.36 8.76 13.65
CA GLN B 52 2.00 9.32 12.45
C GLN B 52 2.23 8.25 11.39
N ASP B 53 1.14 7.58 11.02
CA ASP B 53 1.05 6.63 9.93
C ASP B 53 1.80 5.32 10.20
N MET B 54 2.23 5.06 11.43
CA MET B 54 2.81 3.78 11.81
C MET B 54 1.84 3.00 12.68
N GLY B 55 1.72 1.70 12.44
CA GLY B 55 0.81 0.88 13.24
C GLY B 55 1.23 0.82 14.70
N VAL B 56 0.22 0.86 15.59
CA VAL B 56 0.41 0.70 17.03
C VAL B 56 -0.74 -0.13 17.59
N THR B 57 -0.49 -0.75 18.74
CA THR B 57 -1.49 -1.58 19.42
C THR B 57 -1.72 -1.08 20.84
N ILE B 58 -2.97 -1.11 21.26
CA ILE B 58 -3.39 -0.70 22.60
C ILE B 58 -4.17 -1.87 23.19
N TYR B 59 -3.92 -2.18 24.45
CA TYR B 59 -4.57 -3.31 25.11
C TYR B 59 -5.32 -2.80 26.34
N LEU B 60 -6.63 -3.04 26.37
CA LEU B 60 -7.42 -2.70 27.54
C LEU B 60 -7.20 -3.77 28.58
N THR B 61 -6.95 -3.36 29.83
N THR B 61 -7.03 -3.35 29.85
CA THR B 61 -6.64 -4.33 30.87
CA THR B 61 -6.44 -4.25 30.86
C THR B 61 -7.91 -5.05 31.29
C THR B 61 -7.38 -5.29 31.48
N PRO B 62 -7.79 -6.19 31.99
N PRO B 62 -8.72 -5.28 31.26
CA PRO B 62 -9.00 -6.92 32.39
CA PRO B 62 -9.53 -6.27 31.94
C PRO B 62 -9.99 -6.06 33.15
C PRO B 62 -9.28 -6.70 33.40
N ASP B 63 -9.51 -5.16 34.00
N ASP B 63 -10.16 -6.07 34.18
CA ASP B 63 -10.39 -4.33 34.80
CA ASP B 63 -11.05 -5.16 33.44
C ASP B 63 -11.20 -3.32 33.98
C ASP B 63 -11.24 -3.72 33.76
N GLY B 64 -10.85 -3.05 32.71
CA GLY B 64 -11.64 -2.10 31.95
C GLY B 64 -11.30 -0.66 32.21
N LYS B 65 -10.51 -0.41 33.24
CA LYS B 65 -10.23 0.93 33.71
C LYS B 65 -8.81 1.35 33.40
N HIS B 66 -8.03 0.52 32.70
CA HIS B 66 -6.70 0.90 32.26
C HIS B 66 -6.45 0.35 30.87
N ALA B 67 -5.46 0.94 30.20
CA ALA B 67 -5.07 0.50 28.87
C ALA B 67 -3.56 0.68 28.74
N ILE B 68 -2.93 -0.20 27.99
CA ILE B 68 -1.49 -0.18 27.79
C ILE B 68 -1.23 0.03 26.31
N SER B 69 -0.48 1.08 26.00
CA SER B 69 0.00 1.29 24.63
C SER B 69 1.39 0.68 24.53
N GLY B 70 1.57 -0.29 23.65
CA GLY B 70 2.87 -0.94 23.53
C GLY B 70 2.78 -2.25 22.76
N TYR B 71 3.79 -3.10 23.00
CA TYR B 71 4.02 -4.28 22.18
C TYR B 71 3.88 -5.53 23.03
N MET B 72 3.08 -6.48 22.55
CA MET B 72 2.84 -7.72 23.28
C MET B 72 3.73 -8.83 22.71
N TYR B 73 4.39 -9.56 23.60
CA TYR B 73 5.21 -10.72 23.27
C TYR B 73 4.59 -11.98 23.86
N ASN B 74 4.82 -13.12 23.21
CA ASN B 74 4.37 -14.38 23.76
C ASN B 74 5.56 -15.15 24.35
N GLU B 75 5.29 -16.39 24.79
CA GLU B 75 6.28 -17.24 25.44
C GLU B 75 7.41 -17.61 24.49
N LYS B 76 7.12 -17.78 23.21
CA LYS B 76 8.15 -18.11 22.25
C LYS B 76 8.98 -16.89 21.84
N GLY B 77 8.66 -15.71 22.36
CA GLY B 77 9.39 -14.50 22.06
C GLY B 77 8.94 -13.75 20.83
N GLU B 78 7.82 -14.14 20.22
CA GLU B 78 7.30 -13.41 19.07
C GLU B 78 6.68 -12.10 19.53
N ASN B 79 6.97 -11.02 18.80
CA ASN B 79 6.30 -9.73 19.00
C ASN B 79 4.96 -9.82 18.27
N LEU B 80 3.91 -10.15 19.02
CA LEU B 80 2.61 -10.36 18.40
C LEU B 80 2.02 -9.06 17.85
N SER B 81 2.34 -7.92 18.47
CA SER B 81 1.89 -6.63 17.95
C SER B 81 2.47 -6.38 16.55
N ASN B 82 3.78 -6.58 16.39
CA ASN B 82 4.37 -6.46 15.04
C ASN B 82 3.73 -7.43 14.06
N THR B 83 3.52 -8.68 14.46
CA THR B 83 2.88 -9.64 13.56
C THR B 83 1.51 -9.16 13.12
N LEU B 84 0.71 -8.66 14.07
CA LEU B 84 -0.63 -8.18 13.74
C LEU B 84 -0.57 -6.93 12.86
N ILE B 85 0.31 -5.98 13.18
CA ILE B 85 0.44 -4.78 12.37
C ILE B 85 0.84 -5.15 10.95
N GLU B 86 1.78 -6.07 10.81
CA GLU B 86 2.19 -6.50 9.47
C GLU B 86 1.04 -7.17 8.74
N LYS B 87 0.28 -8.03 9.43
CA LYS B 87 -0.77 -8.77 8.75
C LYS B 87 -1.93 -7.86 8.35
N GLU B 88 -2.27 -6.89 9.19
CA GLU B 88 -3.49 -6.11 8.98
C GLU B 88 -3.27 -4.82 8.23
N ILE B 89 -2.09 -4.21 8.36
CA ILE B 89 -1.84 -2.92 7.76
C ILE B 89 -0.96 -3.02 6.51
N TYR B 90 0.15 -3.76 6.59
CA TYR B 90 1.14 -3.70 5.52
C TYR B 90 1.03 -4.83 4.50
N ALA B 91 0.73 -6.05 4.92
CA ALA B 91 0.79 -7.21 4.03
C ALA B 91 -0.23 -7.17 2.89
N PRO B 92 -1.48 -6.73 3.11
CA PRO B 92 -2.44 -6.77 1.99
C PRO B 92 -1.99 -6.00 0.77
N ALA B 93 -1.59 -4.74 0.95
CA ALA B 93 -1.15 -3.96 -0.20
C ALA B 93 0.14 -4.53 -0.80
N GLY B 94 0.99 -5.14 0.04
CA GLY B 94 2.20 -5.77 -0.49
C GLY B 94 1.90 -6.98 -1.35
N ARG B 95 0.97 -7.83 -0.90
CA ARG B 95 0.59 -9.00 -1.69
C ARG B 95 -0.05 -8.57 -3.00
N GLU B 96 -0.84 -7.50 -2.97
CA GLU B 96 -1.49 -7.00 -4.18
C GLU B 96 -0.46 -6.52 -5.20
N MET B 97 0.52 -5.73 -4.74
CA MET B 97 1.52 -5.22 -5.68
C MET B 97 2.43 -6.34 -6.17
N TRP B 98 2.73 -7.31 -5.32
CA TRP B 98 3.49 -8.48 -5.75
C TRP B 98 2.78 -9.21 -6.87
N GLN B 99 1.46 -9.36 -6.76
CA GLN B 99 0.71 -10.05 -7.81
C GLN B 99 0.66 -9.22 -9.08
N ARG B 100 0.47 -7.91 -8.96
CA ARG B 100 0.47 -7.04 -10.13
C ARG B 100 1.79 -7.12 -10.89
N MET B 101 2.91 -7.18 -10.16
CA MET B 101 4.20 -7.33 -10.83
C MET B 101 4.32 -8.71 -11.46
N GLU B 102 3.85 -9.74 -10.76
CA GLU B 102 3.89 -11.10 -11.29
C GLU B 102 3.12 -11.23 -12.60
N GLN B 103 2.01 -10.52 -12.72
CA GLN B 103 1.17 -10.58 -13.90
C GLN B 103 1.66 -9.68 -15.03
N SER B 104 2.70 -8.88 -14.78
CA SER B 104 3.21 -7.98 -15.79
C SER B 104 4.15 -8.72 -16.74
N HIS B 105 4.56 -8.01 -17.79
CA HIS B 105 5.43 -8.59 -18.81
C HIS B 105 6.88 -8.39 -18.41
N TRP B 106 7.36 -9.25 -17.52
CA TRP B 106 8.73 -9.16 -17.03
C TRP B 106 9.62 -10.13 -17.80
N LEU B 107 10.92 -9.84 -17.75
CA LEU B 107 11.95 -10.67 -18.36
C LEU B 107 12.67 -11.47 -17.29
N LEU B 108 12.85 -12.77 -17.54
CA LEU B 108 13.50 -13.65 -16.59
C LEU B 108 15.03 -13.55 -16.69
N ASP B 109 15.67 -13.49 -15.53
CA ASP B 109 17.13 -13.54 -15.41
C ASP B 109 17.41 -14.58 -14.32
N GLY B 110 17.84 -15.77 -14.73
CA GLY B 110 18.08 -16.86 -13.78
C GLY B 110 17.11 -18.01 -13.99
N LYS B 111 17.14 -18.94 -13.02
CA LYS B 111 16.35 -20.16 -13.09
C LYS B 111 14.89 -19.88 -12.75
N LYS B 112 13.98 -20.44 -13.55
CA LYS B 112 12.56 -20.19 -13.32
C LYS B 112 12.09 -20.74 -11.97
N ASP B 113 12.82 -21.69 -11.39
CA ASP B 113 12.44 -22.24 -10.10
C ASP B 113 13.29 -21.71 -8.96
N ALA B 114 14.11 -20.70 -9.21
CA ALA B 114 14.91 -20.12 -8.13
C ALA B 114 13.99 -19.65 -7.01
N PRO B 115 14.32 -19.95 -5.75
CA PRO B 115 13.36 -19.75 -4.66
C PRO B 115 13.16 -18.28 -4.26
N VAL B 116 14.15 -17.44 -4.49
CA VAL B 116 14.03 -16.01 -4.19
C VAL B 116 13.66 -15.26 -5.47
N ILE B 117 12.56 -14.52 -5.45
CA ILE B 117 12.10 -13.72 -6.58
C ILE B 117 12.35 -12.26 -6.26
N VAL B 118 12.99 -11.54 -7.19
CA VAL B 118 13.25 -10.10 -7.06
C VAL B 118 12.77 -9.43 -8.33
N TYR B 119 11.86 -8.44 -8.20
CA TYR B 119 11.44 -7.62 -9.33
C TYR B 119 12.29 -6.34 -9.41
N VAL B 120 12.66 -5.95 -10.62
N VAL B 120 12.65 -5.95 -10.64
CA VAL B 120 13.46 -4.75 -10.82
CA VAL B 120 13.47 -4.77 -10.85
C VAL B 120 12.88 -3.96 -11.97
C VAL B 120 12.87 -3.96 -11.98
N PHE B 121 12.61 -2.68 -11.72
CA PHE B 121 12.24 -1.75 -12.78
C PHE B 121 13.54 -1.17 -13.31
N ALA B 122 13.78 -1.29 -14.61
CA ALA B 122 15.05 -0.88 -15.19
C ALA B 122 14.82 -0.15 -16.50
N ASP B 123 15.68 0.82 -16.75
CA ASP B 123 15.74 1.62 -17.97
C ASP B 123 17.03 1.27 -18.71
N PRO B 124 17.02 1.19 -20.04
CA PRO B 124 18.26 0.79 -20.73
C PRO B 124 19.40 1.78 -20.53
N PHE B 125 19.11 3.05 -20.25
CA PHE B 125 20.20 4.01 -20.09
C PHE B 125 20.40 4.35 -18.63
N CYS B 126 20.45 3.33 -17.78
CA CYS B 126 20.64 3.50 -16.36
C CYS B 126 21.94 2.79 -15.97
N GLY B 127 22.95 3.55 -15.57
CA GLY B 127 24.20 2.98 -15.12
C GLY B 127 24.07 2.10 -13.89
N PRO B 128 23.40 2.60 -12.84
CA PRO B 128 23.24 1.78 -11.63
C PRO B 128 22.47 0.48 -11.88
N CYS B 129 21.57 0.45 -12.86
CA CYS B 129 20.89 -0.80 -13.20
C CYS B 129 21.91 -1.89 -13.58
N LYS B 130 22.88 -1.52 -14.42
CA LYS B 130 23.89 -2.49 -14.83
C LYS B 130 24.80 -2.89 -13.68
N GLN B 131 25.08 -1.95 -12.76
CA GLN B 131 25.89 -2.29 -11.60
C GLN B 131 25.15 -3.26 -10.70
N PHE B 132 23.85 -3.05 -10.49
CA PHE B 132 23.07 -4.00 -9.71
C PHE B 132 22.98 -5.35 -10.41
N TRP B 133 22.82 -5.35 -11.73
CA TRP B 133 22.88 -6.59 -12.49
C TRP B 133 24.15 -7.37 -12.15
N GLN B 134 25.28 -6.67 -12.14
CA GLN B 134 26.55 -7.30 -11.82
C GLN B 134 26.57 -7.84 -10.39
N GLN B 135 26.07 -7.05 -9.43
CA GLN B 135 26.05 -7.48 -8.03
C GLN B 135 25.32 -8.81 -7.86
N ALA B 136 24.27 -9.03 -8.64
CA ALA B 136 23.41 -10.19 -8.46
C ALA B 136 24.02 -11.49 -9.00
N ARG B 137 25.08 -11.42 -9.81
CA ARG B 137 25.53 -12.62 -10.54
C ARG B 137 25.81 -13.83 -9.64
N PRO B 138 26.45 -13.71 -8.46
CA PRO B 138 26.72 -14.92 -7.66
C PRO B 138 25.46 -15.66 -7.28
N TRP B 139 24.38 -14.95 -6.96
CA TRP B 139 23.13 -15.61 -6.62
C TRP B 139 22.36 -16.09 -7.85
N VAL B 140 22.37 -15.31 -8.93
CA VAL B 140 21.60 -15.71 -10.11
C VAL B 140 22.24 -16.92 -10.76
N ASP B 141 23.54 -16.89 -10.94
CA ASP B 141 24.27 -17.94 -11.64
C ASP B 141 24.44 -19.21 -10.82
N SER B 142 24.00 -19.20 -9.56
CA SER B 142 23.96 -20.40 -8.75
C SER B 142 22.55 -20.92 -8.52
N GLY B 143 21.54 -20.27 -9.11
CA GLY B 143 20.18 -20.74 -9.01
C GLY B 143 19.43 -20.32 -7.76
N LYS B 144 20.00 -19.41 -6.96
CA LYS B 144 19.36 -19.03 -5.70
C LYS B 144 18.31 -17.95 -5.91
N VAL B 145 18.57 -17.03 -6.84
CA VAL B 145 17.74 -15.85 -7.06
C VAL B 145 17.40 -15.77 -8.53
N GLN B 146 16.17 -15.42 -8.83
CA GLN B 146 15.79 -15.00 -10.17
C GLN B 146 15.41 -13.52 -10.12
N LEU B 147 15.95 -12.73 -11.06
CA LEU B 147 15.53 -11.35 -11.24
C LEU B 147 14.47 -11.31 -12.31
N ARG B 148 13.41 -10.56 -12.08
CA ARG B 148 12.34 -10.39 -13.05
C ARG B 148 12.29 -8.91 -13.40
N THR B 149 12.72 -8.56 -14.61
CA THR B 149 12.93 -7.17 -14.98
C THR B 149 11.71 -6.62 -15.71
N LEU B 150 11.16 -5.53 -15.17
CA LEU B 150 10.07 -4.78 -15.80
C LEU B 150 10.67 -3.55 -16.46
N LEU B 151 10.79 -3.58 -17.78
CA LEU B 151 11.46 -2.49 -18.47
C LEU B 151 10.59 -1.25 -18.51
N VAL B 152 11.24 -0.08 -18.41
CA VAL B 152 10.58 1.20 -18.55
C VAL B 152 11.43 2.05 -19.47
N GLY B 153 10.81 3.06 -20.07
CA GLY B 153 11.54 4.01 -20.88
C GLY B 153 11.31 5.42 -20.37
N VAL B 154 12.06 5.84 -19.36
CA VAL B 154 11.77 7.10 -18.67
C VAL B 154 12.96 8.03 -18.55
N ILE B 155 14.20 7.57 -18.70
CA ILE B 155 15.36 8.41 -18.39
C ILE B 155 15.75 9.28 -19.58
N LYS B 156 15.90 8.69 -20.76
CA LYS B 156 16.52 9.37 -21.90
C LYS B 156 15.54 9.42 -23.07
N PRO B 157 15.75 10.35 -24.00
CA PRO B 157 14.86 10.40 -25.19
C PRO B 157 14.75 9.07 -25.93
N GLU B 158 15.83 8.31 -26.00
CA GLU B 158 15.85 7.01 -26.68
C GLU B 158 15.50 5.84 -25.76
N SER B 159 15.21 6.09 -24.48
CA SER B 159 14.88 4.97 -23.59
C SER B 159 13.68 4.16 -24.07
N PRO B 160 12.55 4.75 -24.46
CA PRO B 160 11.42 3.90 -24.93
C PRO B 160 11.75 3.06 -26.15
N ALA B 161 12.35 3.65 -27.18
CA ALA B 161 12.62 2.87 -28.39
C ALA B 161 13.63 1.77 -28.11
N THR B 162 14.60 2.03 -27.23
CA THR B 162 15.60 1.02 -26.94
C THR B 162 14.99 -0.10 -26.11
N ALA B 163 14.15 0.25 -25.13
CA ALA B 163 13.49 -0.80 -24.36
C ALA B 163 12.56 -1.61 -25.26
N ALA B 164 11.82 -0.96 -26.14
CA ALA B 164 10.96 -1.67 -27.08
C ALA B 164 11.76 -2.55 -28.02
N ALA B 165 12.94 -2.08 -28.46
CA ALA B 165 13.80 -2.90 -29.31
C ALA B 165 14.19 -4.19 -28.61
N ILE B 166 14.47 -4.11 -27.30
CA ILE B 166 14.79 -5.31 -26.55
C ILE B 166 13.57 -6.22 -26.47
N LEU B 167 12.40 -5.64 -26.20
CA LEU B 167 11.17 -6.42 -26.16
C LEU B 167 10.84 -7.04 -27.51
N ALA B 168 11.23 -6.38 -28.60
CA ALA B 168 10.94 -6.83 -29.95
C ALA B 168 11.86 -7.94 -30.44
N SER B 169 12.96 -8.21 -29.73
CA SER B 169 13.96 -9.12 -30.26
C SER B 169 13.47 -10.57 -30.16
N LYS B 170 14.19 -11.47 -30.85
CA LYS B 170 13.78 -12.88 -30.90
C LYS B 170 13.71 -13.50 -29.52
N ASP B 171 14.66 -13.17 -28.65
CA ASP B 171 14.74 -13.72 -27.30
C ASP B 171 14.97 -12.53 -26.37
N PRO B 172 13.89 -11.85 -25.96
CA PRO B 172 14.07 -10.60 -25.19
C PRO B 172 14.85 -10.77 -23.91
N ALA B 173 14.61 -11.85 -23.15
CA ALA B 173 15.34 -12.05 -21.89
C ALA B 173 16.83 -12.17 -22.14
N LYS B 174 17.22 -12.91 -23.18
CA LYS B 174 18.63 -13.04 -23.54
C LYS B 174 19.22 -11.71 -24.01
N THR B 175 18.46 -10.97 -24.83
CA THR B 175 18.98 -9.69 -25.31
C THR B 175 19.21 -8.73 -24.15
N TRP B 176 18.32 -8.76 -23.15
CA TRP B 176 18.49 -7.91 -21.98
C TRP B 176 19.72 -8.31 -21.18
N GLN B 177 19.96 -9.61 -21.04
CA GLN B 177 21.18 -10.07 -20.36
C GLN B 177 22.41 -9.57 -21.08
N GLN B 178 22.45 -9.69 -22.41
CA GLN B 178 23.59 -9.19 -23.16
C GLN B 178 23.70 -7.67 -23.04
N TYR B 179 22.55 -6.98 -23.03
CA TYR B 179 22.59 -5.54 -22.94
C TYR B 179 23.19 -5.08 -21.62
N GLU B 180 22.74 -5.67 -20.51
CA GLU B 180 23.28 -5.29 -19.20
C GLU B 180 24.73 -5.75 -19.07
N ALA B 181 25.03 -6.97 -19.49
CA ALA B 181 26.38 -7.51 -19.33
C ALA B 181 27.40 -6.72 -20.13
N SER B 182 26.98 -6.17 -21.28
N SER B 182 26.99 -6.18 -21.28
CA SER B 182 27.90 -5.43 -22.12
CA SER B 182 27.87 -5.42 -22.15
C SER B 182 28.01 -3.96 -21.73
C SER B 182 27.93 -3.95 -21.78
N GLY B 183 27.34 -3.55 -20.65
CA GLY B 183 27.32 -2.15 -20.29
C GLY B 183 26.55 -1.26 -21.25
N GLY B 184 25.58 -1.84 -21.98
CA GLY B 184 24.83 -1.13 -23.00
C GLY B 184 25.54 -0.97 -24.32
N LYS B 185 26.69 -1.61 -24.51
CA LYS B 185 27.42 -1.56 -25.78
C LYS B 185 26.82 -2.49 -26.83
N LEU B 186 25.93 -3.39 -26.43
CA LEU B 186 25.28 -4.29 -27.37
C LEU B 186 24.59 -3.52 -28.48
N LYS B 187 24.91 -3.84 -29.72
CA LYS B 187 24.23 -3.21 -30.84
C LYS B 187 22.87 -3.86 -31.05
N LEU B 188 21.91 -3.04 -31.49
CA LEU B 188 20.53 -3.47 -31.63
C LEU B 188 20.01 -3.09 -33.01
N ASN B 189 18.97 -3.79 -33.44
CA ASN B 189 18.18 -3.41 -34.61
C ASN B 189 16.93 -2.73 -34.05
N VAL B 190 16.96 -1.40 -33.95
CA VAL B 190 15.83 -0.68 -33.35
C VAL B 190 14.74 -0.50 -34.41
N PRO B 191 13.51 -0.93 -34.15
CA PRO B 191 12.47 -0.87 -35.18
C PRO B 191 12.09 0.57 -35.54
N ALA B 192 11.35 0.68 -36.63
CA ALA B 192 10.92 1.98 -37.13
C ALA B 192 10.03 2.72 -36.13
N ASN B 193 9.31 1.98 -35.28
CA ASN B 193 8.43 2.60 -34.31
C ASN B 193 8.22 1.64 -33.18
N VAL B 194 7.76 2.18 -32.05
CA VAL B 194 7.34 1.36 -30.92
C VAL B 194 5.96 0.81 -31.23
N SER B 195 5.83 -0.52 -31.20
CA SER B 195 4.56 -1.14 -31.53
C SER B 195 3.52 -0.88 -30.44
N THR B 196 2.25 -1.09 -30.80
CA THR B 196 1.17 -0.90 -29.84
C THR B 196 1.34 -1.83 -28.65
N GLU B 197 1.75 -3.09 -28.89
CA GLU B 197 1.98 -4.01 -27.79
C GLU B 197 3.15 -3.55 -26.92
N GLN B 198 4.21 -3.04 -27.53
CA GLN B 198 5.36 -2.57 -26.75
C GLN B 198 5.02 -1.32 -25.95
N MET B 199 4.26 -0.39 -26.54
N MET B 199 4.25 -0.40 -26.54
N MET B 199 4.26 -0.40 -26.54
CA MET B 199 3.84 0.80 -25.81
CA MET B 199 3.83 0.80 -25.81
CA MET B 199 3.82 0.80 -25.83
C MET B 199 3.03 0.43 -24.56
C MET B 199 3.02 0.42 -24.57
C MET B 199 3.04 0.42 -24.58
N LYS B 200 2.16 -0.58 -24.69
CA LYS B 200 1.36 -0.99 -23.54
C LYS B 200 2.22 -1.59 -22.44
N VAL B 201 3.19 -2.44 -22.83
CA VAL B 201 4.09 -3.02 -21.82
C VAL B 201 4.83 -1.92 -21.08
N LEU B 202 5.45 -0.99 -21.83
CA LEU B 202 6.19 0.09 -21.20
C LEU B 202 5.29 0.98 -20.34
N SER B 203 4.09 1.32 -20.84
CA SER B 203 3.26 2.24 -20.07
C SER B 203 2.69 1.55 -18.83
N ASP B 204 2.30 0.27 -18.95
CA ASP B 204 1.89 -0.49 -17.77
C ASP B 204 3.00 -0.57 -16.73
N ASN B 205 4.22 -0.93 -17.16
CA ASN B 205 5.34 -1.02 -16.21
C ASN B 205 5.63 0.33 -15.59
N GLU B 206 5.51 1.41 -16.37
CA GLU B 206 5.74 2.73 -15.80
C GLU B 206 4.65 3.11 -14.80
N LYS B 207 3.41 2.68 -15.07
CA LYS B 207 2.32 2.92 -14.13
C LYS B 207 2.58 2.21 -12.80
N LEU B 208 2.97 0.93 -12.85
CA LEU B 208 3.26 0.20 -11.62
C LEU B 208 4.44 0.80 -10.89
N MET B 209 5.47 1.21 -11.63
N MET B 209 5.48 1.22 -11.62
CA MET B 209 6.62 1.88 -11.04
CA MET B 209 6.61 1.87 -10.97
C MET B 209 6.19 3.14 -10.30
C MET B 209 6.18 3.15 -10.27
N ASP B 210 5.33 3.95 -10.92
CA ASP B 210 4.88 5.19 -10.29
C ASP B 210 3.99 4.89 -9.09
N ASP B 211 3.12 3.88 -9.20
CA ASP B 211 2.37 3.42 -8.04
C ASP B 211 3.28 3.17 -6.84
N LEU B 212 4.42 2.51 -7.07
CA LEU B 212 5.30 2.13 -5.98
C LEU B 212 6.19 3.27 -5.46
N GLY B 213 6.17 4.43 -6.11
CA GLY B 213 6.73 5.62 -5.50
C GLY B 213 8.18 5.93 -5.82
N ALA B 214 8.87 5.06 -6.55
CA ALA B 214 10.24 5.37 -6.96
C ALA B 214 10.21 6.00 -8.35
N ASN B 215 10.88 7.13 -8.49
CA ASN B 215 11.02 7.80 -9.77
C ASN B 215 12.36 7.50 -10.43
N VAL B 216 13.22 6.75 -9.74
CA VAL B 216 14.57 6.45 -10.19
C VAL B 216 14.68 4.95 -10.39
N THR B 217 15.50 4.56 -11.36
CA THR B 217 15.87 3.15 -11.55
C THR B 217 17.33 2.96 -11.08
N PRO B 218 17.71 1.73 -10.71
CA PRO B 218 16.82 0.57 -10.54
C PRO B 218 15.89 0.77 -9.36
N ALA B 219 14.63 0.35 -9.50
CA ALA B 219 13.69 0.27 -8.39
C ALA B 219 13.45 -1.21 -8.14
N ILE B 220 13.88 -1.69 -6.97
CA ILE B 220 13.99 -3.12 -6.68
C ILE B 220 12.99 -3.50 -5.61
N TYR B 221 12.22 -4.57 -5.85
CA TYR B 221 11.19 -5.00 -4.92
C TYR B 221 11.36 -6.46 -4.56
N TYR B 222 11.25 -6.76 -3.27
CA TYR B 222 11.47 -8.10 -2.79
C TYR B 222 10.56 -8.30 -1.57
N MET B 223 10.36 -9.56 -1.20
CA MET B 223 9.48 -9.89 -0.10
CA MET B 223 9.48 -9.92 -0.10
C MET B 223 10.30 -10.30 1.12
N SER B 224 9.93 -9.77 2.28
CA SER B 224 10.53 -10.14 3.55
C SER B 224 10.02 -11.52 3.96
N LYS B 225 10.73 -12.10 4.94
CA LYS B 225 10.31 -13.38 5.50
C LYS B 225 8.92 -13.30 6.13
N GLU B 226 8.46 -12.10 6.47
CA GLU B 226 7.14 -11.88 7.04
C GLU B 226 6.11 -11.51 5.98
N ASN B 227 6.43 -11.72 4.70
CA ASN B 227 5.49 -11.51 3.61
C ASN B 227 5.04 -10.05 3.53
N THR B 228 5.97 -9.12 3.72
CA THR B 228 5.72 -7.72 3.49
C THR B 228 6.65 -7.22 2.38
N LEU B 229 6.12 -6.35 1.54
CA LEU B 229 6.86 -5.84 0.39
C LEU B 229 7.96 -4.88 0.85
N GLN B 230 9.16 -5.04 0.31
CA GLN B 230 10.28 -4.18 0.64
C GLN B 230 10.85 -3.61 -0.65
N GLN B 231 11.63 -2.53 -0.51
CA GLN B 231 12.07 -1.74 -1.65
CA GLN B 231 12.09 -1.76 -1.66
C GLN B 231 13.55 -1.37 -1.49
N ALA B 232 14.25 -1.28 -2.61
CA ALA B 232 15.56 -0.63 -2.66
C ALA B 232 15.60 0.17 -3.94
N VAL B 233 16.14 1.39 -3.88
CA VAL B 233 16.16 2.28 -5.03
C VAL B 233 17.59 2.75 -5.21
N GLY B 234 18.11 2.64 -6.44
CA GLY B 234 19.51 2.90 -6.69
C GLY B 234 20.34 1.68 -6.34
N LEU B 235 21.64 1.83 -6.48
CA LEU B 235 22.56 0.72 -6.24
C LEU B 235 22.61 0.35 -4.76
N PRO B 236 22.22 -0.85 -4.39
CA PRO B 236 22.21 -1.24 -2.97
C PRO B 236 23.61 -1.32 -2.39
N ASP B 237 23.72 -1.00 -1.10
CA ASP B 237 24.97 -1.29 -0.42
C ASP B 237 25.01 -2.77 -0.04
N GLN B 238 26.10 -3.19 0.61
CA GLN B 238 26.33 -4.61 0.81
C GLN B 238 25.25 -5.24 1.68
N LYS B 239 24.87 -4.57 2.78
CA LYS B 239 23.84 -5.12 3.64
C LYS B 239 22.51 -5.26 2.89
N THR B 240 22.10 -4.19 2.21
CA THR B 240 20.83 -4.24 1.49
C THR B 240 20.86 -5.29 0.38
N LEU B 241 21.98 -5.36 -0.35
CA LEU B 241 22.11 -6.36 -1.40
C LEU B 241 21.91 -7.77 -0.86
N ASN B 242 22.59 -8.10 0.23
CA ASN B 242 22.48 -9.45 0.77
C ASN B 242 21.07 -9.75 1.27
N ILE B 243 20.35 -8.74 1.79
CA ILE B 243 18.97 -8.96 2.20
C ILE B 243 18.06 -9.17 0.99
N ILE B 244 18.23 -8.34 -0.07
CA ILE B 244 17.47 -8.55 -1.31
C ILE B 244 17.66 -9.98 -1.81
N MET B 245 18.89 -10.48 -1.80
N MET B 245 18.90 -10.47 -1.77
CA MET B 245 19.12 -11.79 -2.41
CA MET B 245 19.29 -11.77 -2.31
C MET B 245 18.67 -12.95 -1.52
C MET B 245 18.95 -12.94 -1.39
N GLY B 246 18.23 -12.67 -0.30
CA GLY B 246 17.74 -13.73 0.58
C GLY B 246 18.78 -14.32 1.50
N ASN B 247 19.93 -13.68 1.67
CA ASN B 247 20.93 -14.15 2.63
C ASN B 247 20.39 -14.08 4.06
S SO4 C . 12.81 23.13 3.06
O1 SO4 C . 13.10 21.89 2.36
O2 SO4 C . 11.37 23.20 3.34
O3 SO4 C . 13.54 23.18 4.32
O4 SO4 C . 13.21 24.28 2.25
S SO4 D . -37.85 1.63 -7.63
O1 SO4 D . -37.90 0.31 -7.02
O2 SO4 D . -37.12 1.53 -8.90
O3 SO4 D . -37.17 2.57 -6.74
O4 SO4 D . -39.21 2.10 -7.89
S SO4 E . 17.55 -10.46 -32.78
O1 SO4 E . 17.94 -11.68 -32.09
O2 SO4 E . 16.10 -10.29 -32.70
O3 SO4 E . 18.22 -9.32 -32.13
O4 SO4 E . 17.98 -10.54 -34.18
S SO4 F . -5.51 4.20 39.24
O1 SO4 F . -5.56 4.01 37.81
O2 SO4 F . -6.88 4.13 39.76
O3 SO4 F . -4.68 3.16 39.83
O4 SO4 F . -4.94 5.51 39.49
#